data_6ALT
#
_entry.id   6ALT
#
_entity_poly.entity_id   1
_entity_poly.type   'polydeoxyribonucleotide'
_entity_poly.pdbx_seq_one_letter_code
;(DCZ)(DG)(5CM)(DG)(DA)(DA)(DT)(DT)(5CM)(DG)(DC)(DG)
;
_entity_poly.pdbx_strand_id   A,B
#